data_8RKF
#
_entry.id   8RKF
#
_cell.length_a   86.930
_cell.length_b   86.930
_cell.length_c   178.680
_cell.angle_alpha   90.000
_cell.angle_beta   90.000
_cell.angle_gamma   120.000
#
_symmetry.space_group_name_H-M   'P 31 2 1'
#
loop_
_entity.id
_entity.type
_entity.pdbx_description
1 polymer 'Zona pellucida sperm-binding protein 2'
2 non-polymer 2-acetamido-2-deoxy-beta-D-glucopyranose
#
_entity_poly.entity_id   1
_entity_poly.type   'polypeptide(L)'
_entity_poly.pdbx_seq_one_letter_code
;IDVSQLVNPAFPGTVTCDEREITVEFPSSPGTKKWHASVVDPLGLDMPNCTYILDPEKLTLRATYDNCTRRVHGGHQMTI
RVMNNSAALRHGAVMYQFFCPAMQVEETQGLSASTICQKDFMSFSLPRVFSGLADDSKGTKVQMGWSIEVGDGARAKTLT
LPEAMKEGFSLLIDNHRMTFHVPFNATGVTHYVQGNSHLYMVSLKLTFISPGQKVIFSSQAICAPDPLEHHHHHH
;
_entity_poly.pdbx_strand_id   A,B
#
# COMPACT_ATOMS: atom_id res chain seq x y z
N ILE A 1 -39.66 -21.84 10.03
CA ILE A 1 -38.91 -21.44 8.83
C ILE A 1 -38.33 -20.04 9.00
N ASP A 2 -37.04 -19.89 8.70
CA ASP A 2 -36.37 -18.60 8.79
C ASP A 2 -36.44 -17.94 7.41
N VAL A 3 -37.41 -17.05 7.23
CA VAL A 3 -37.57 -16.37 5.95
C VAL A 3 -36.39 -15.43 5.67
N SER A 4 -35.77 -14.90 6.73
CA SER A 4 -34.66 -13.96 6.55
C SER A 4 -33.44 -14.63 5.92
N GLN A 5 -33.34 -15.95 5.98
CA GLN A 5 -32.30 -16.66 5.26
C GLN A 5 -32.70 -16.92 3.82
N LEU A 6 -34.01 -16.97 3.52
CA LEU A 6 -34.44 -17.11 2.14
C LEU A 6 -34.27 -15.81 1.37
N VAL A 7 -34.58 -14.67 2.00
CA VAL A 7 -34.43 -13.39 1.32
C VAL A 7 -33.01 -12.83 1.46
N ASN A 8 -32.33 -13.12 2.57
CA ASN A 8 -30.98 -12.63 2.82
C ASN A 8 -30.12 -13.81 3.28
N PRO A 9 -29.68 -14.65 2.35
CA PRO A 9 -28.88 -15.83 2.73
C PRO A 9 -27.53 -15.42 3.29
N ALA A 10 -27.01 -16.28 4.17
CA ALA A 10 -25.70 -16.07 4.76
C ALA A 10 -24.62 -16.56 3.80
N PHE A 11 -23.61 -15.73 3.58
CA PHE A 11 -22.52 -16.10 2.68
C PHE A 11 -21.74 -17.26 3.28
N PRO A 12 -21.38 -18.27 2.49
CA PRO A 12 -20.66 -19.44 3.02
C PRO A 12 -19.18 -19.20 3.27
N GLY A 13 -18.69 -17.98 3.13
CA GLY A 13 -17.30 -17.68 3.37
C GLY A 13 -17.10 -16.42 4.18
N THR A 14 -15.89 -15.87 4.18
CA THR A 14 -15.56 -14.69 4.96
C THR A 14 -15.71 -13.43 4.11
N VAL A 15 -15.97 -12.30 4.78
CA VAL A 15 -15.94 -10.98 4.18
C VAL A 15 -15.14 -10.05 5.08
N THR A 16 -14.36 -9.16 4.47
CA THR A 16 -13.54 -8.18 5.19
C THR A 16 -13.96 -6.79 4.77
N CYS A 17 -14.30 -5.95 5.75
CA CYS A 17 -14.57 -4.53 5.55
C CYS A 17 -13.30 -3.76 5.87
N ASP A 18 -12.56 -3.36 4.85
CA ASP A 18 -11.30 -2.67 5.05
C ASP A 18 -11.54 -1.15 5.08
N GLU A 19 -10.47 -0.40 5.34
CA GLU A 19 -10.57 1.05 5.35
C GLU A 19 -10.93 1.61 3.97
N ARG A 20 -10.56 0.89 2.91
CA ARG A 20 -10.74 1.41 1.56
C ARG A 20 -11.46 0.46 0.61
N GLU A 21 -11.68 -0.79 0.99
CA GLU A 21 -12.21 -1.76 0.04
C GLU A 21 -12.90 -2.89 0.80
N ILE A 22 -13.68 -3.67 0.06
CA ILE A 22 -14.35 -4.86 0.58
C ILE A 22 -13.72 -6.07 -0.09
N THR A 23 -13.24 -7.01 0.71
CA THR A 23 -12.76 -8.29 0.21
C THR A 23 -13.76 -9.38 0.56
N VAL A 24 -14.29 -10.04 -0.45
CA VAL A 24 -15.14 -11.20 -0.28
C VAL A 24 -14.31 -12.44 -0.53
N GLU A 25 -14.32 -13.37 0.41
CA GLU A 25 -13.41 -14.51 0.41
C GLU A 25 -14.26 -15.77 0.33
N PHE A 26 -14.27 -16.40 -0.84
CA PHE A 26 -15.12 -17.54 -1.10
C PHE A 26 -14.57 -18.83 -0.48
N PRO A 27 -15.43 -19.74 -0.07
CA PRO A 27 -14.96 -21.02 0.48
C PRO A 27 -14.36 -21.88 -0.62
N SER A 28 -13.20 -22.48 -0.32
CA SER A 28 -12.50 -23.31 -1.28
C SER A 28 -13.23 -24.64 -1.46
N SER A 29 -13.62 -24.95 -2.70
CA SER A 29 -14.26 -26.21 -3.02
C SER A 29 -14.17 -26.44 -4.52
N PRO A 30 -14.11 -27.70 -4.97
CA PRO A 30 -14.15 -27.94 -6.42
C PRO A 30 -15.43 -27.44 -7.07
N GLY A 31 -16.55 -27.48 -6.36
CA GLY A 31 -17.77 -26.90 -6.90
C GLY A 31 -17.68 -25.39 -7.04
N THR A 32 -17.03 -24.73 -6.08
CA THR A 32 -16.80 -23.29 -6.18
C THR A 32 -15.80 -22.93 -7.27
N LYS A 33 -15.04 -23.92 -7.76
CA LYS A 33 -14.19 -23.69 -8.93
C LYS A 33 -15.01 -23.52 -10.21
N LYS A 34 -16.30 -23.82 -10.17
CA LYS A 34 -17.19 -23.68 -11.31
C LYS A 34 -18.13 -22.49 -11.16
N TRP A 35 -17.78 -21.51 -10.33
CA TRP A 35 -18.64 -20.37 -10.10
C TRP A 35 -18.03 -19.12 -10.72
N HIS A 36 -18.91 -18.20 -11.11
CA HIS A 36 -18.54 -16.86 -11.53
C HIS A 36 -19.21 -15.87 -10.61
N ALA A 37 -18.58 -14.72 -10.40
CA ALA A 37 -19.13 -13.73 -9.48
C ALA A 37 -19.00 -12.34 -10.08
N SER A 38 -20.01 -11.52 -9.83
CA SER A 38 -20.04 -10.14 -10.33
C SER A 38 -20.77 -9.28 -9.32
N VAL A 39 -20.43 -7.99 -9.31
CA VAL A 39 -21.06 -7.03 -8.41
C VAL A 39 -22.28 -6.45 -9.11
N VAL A 40 -23.43 -6.50 -8.43
CA VAL A 40 -24.68 -6.02 -9.00
C VAL A 40 -25.41 -5.15 -7.98
N ASP A 41 -26.38 -4.40 -8.49
CA ASP A 41 -27.34 -3.69 -7.66
C ASP A 41 -28.36 -4.68 -7.13
N PRO A 42 -29.20 -4.28 -6.17
CA PRO A 42 -30.16 -5.23 -5.60
C PRO A 42 -31.10 -5.85 -6.62
N LEU A 43 -31.32 -5.23 -7.78
CA LEU A 43 -32.11 -5.82 -8.85
C LEU A 43 -31.32 -6.79 -9.71
N GLY A 44 -29.99 -6.79 -9.61
CA GLY A 44 -29.16 -7.61 -10.45
C GLY A 44 -28.57 -6.90 -11.65
N LEU A 45 -28.69 -5.58 -11.72
CA LEU A 45 -28.18 -4.79 -12.82
C LEU A 45 -26.76 -4.34 -12.51
N ASP A 46 -25.92 -4.31 -13.55
CA ASP A 46 -24.53 -3.90 -13.38
C ASP A 46 -24.45 -2.43 -12.98
N MET A 47 -23.62 -2.14 -11.98
CA MET A 47 -23.38 -0.77 -11.56
C MET A 47 -22.33 -0.11 -12.45
N PRO A 48 -22.59 1.09 -12.99
CA PRO A 48 -21.84 1.56 -14.16
C PRO A 48 -20.36 1.82 -13.91
N ASN A 49 -20.03 2.62 -12.89
CA ASN A 49 -18.65 3.01 -12.65
C ASN A 49 -17.87 2.02 -11.80
N CYS A 50 -18.49 0.92 -11.37
CA CYS A 50 -17.83 -0.02 -10.47
C CYS A 50 -16.79 -0.86 -11.21
N THR A 51 -15.54 -0.77 -10.75
CA THR A 51 -14.47 -1.65 -11.21
C THR A 51 -13.94 -2.44 -10.02
N TYR A 52 -13.79 -3.76 -10.20
CA TYR A 52 -13.40 -4.64 -9.10
C TYR A 52 -12.40 -5.68 -9.61
N ILE A 53 -11.65 -6.24 -8.68
CA ILE A 53 -10.55 -7.16 -8.95
C ILE A 53 -10.94 -8.57 -8.53
N LEU A 54 -10.71 -9.54 -9.41
CA LEU A 54 -10.88 -10.95 -9.11
C LEU A 54 -9.52 -11.63 -9.04
N ASP A 55 -9.30 -12.41 -7.99
CA ASP A 55 -8.08 -13.20 -7.82
C ASP A 55 -8.45 -14.67 -7.80
N PRO A 56 -8.23 -15.41 -8.89
CA PRO A 56 -8.66 -16.81 -8.92
C PRO A 56 -7.81 -17.73 -8.07
N GLU A 57 -6.59 -17.31 -7.70
CA GLU A 57 -5.75 -18.15 -6.86
C GLU A 57 -6.15 -18.05 -5.39
N LYS A 58 -6.45 -16.84 -4.91
CA LYS A 58 -6.92 -16.66 -3.55
C LYS A 58 -8.44 -16.73 -3.41
N LEU A 59 -9.16 -16.84 -4.52
CA LEU A 59 -10.63 -16.90 -4.53
C LEU A 59 -11.23 -15.70 -3.80
N THR A 60 -10.80 -14.50 -4.20
CA THR A 60 -11.25 -13.27 -3.56
C THR A 60 -11.76 -12.30 -4.60
N LEU A 61 -12.73 -11.48 -4.19
CA LEU A 61 -13.25 -10.38 -5.00
C LEU A 61 -13.11 -9.09 -4.20
N ARG A 62 -12.42 -8.12 -4.78
CA ARG A 62 -12.12 -6.85 -4.13
C ARG A 62 -12.84 -5.73 -4.84
N ALA A 63 -13.52 -4.90 -4.08
CA ALA A 63 -14.29 -3.79 -4.63
C ALA A 63 -14.15 -2.59 -3.70
N THR A 64 -14.07 -1.41 -4.29
CA THR A 64 -14.03 -0.18 -3.52
C THR A 64 -15.44 0.18 -3.03
N TYR A 65 -15.49 0.98 -1.97
CA TYR A 65 -16.79 1.44 -1.48
C TYR A 65 -17.46 2.34 -2.50
N ASP A 66 -16.70 3.22 -3.15
CA ASP A 66 -17.26 4.11 -4.15
C ASP A 66 -17.69 3.33 -5.40
N ASN A 67 -18.88 3.66 -5.90
CA ASN A 67 -19.42 3.17 -7.17
C ASN A 67 -19.80 1.69 -7.17
N CYS A 68 -19.41 0.95 -6.13
CA CYS A 68 -19.72 -0.47 -6.06
C CYS A 68 -20.68 -0.83 -4.93
N THR A 69 -20.98 0.09 -4.03
CA THR A 69 -21.89 -0.19 -2.92
C THR A 69 -22.97 0.88 -2.87
N ARG A 70 -24.08 0.53 -2.22
CA ARG A 70 -25.16 1.46 -1.95
C ARG A 70 -25.14 1.86 -0.49
N ARG A 71 -25.31 3.16 -0.24
CA ARG A 71 -25.40 3.63 1.13
C ARG A 71 -26.72 3.18 1.76
N VAL A 72 -26.63 2.57 2.93
CA VAL A 72 -27.78 2.11 3.69
C VAL A 72 -27.62 2.67 5.10
N HIS A 73 -28.64 2.44 5.92
CA HIS A 73 -28.56 2.92 7.30
C HIS A 73 -27.39 2.29 8.02
N GLY A 74 -26.51 3.13 8.58
CA GLY A 74 -25.38 2.66 9.34
C GLY A 74 -24.11 2.39 8.56
N GLY A 75 -24.16 2.42 7.23
CA GLY A 75 -22.96 2.10 6.47
C GLY A 75 -23.25 1.86 5.01
N HIS A 76 -22.46 0.97 4.41
CA HIS A 76 -22.51 0.66 2.99
C HIS A 76 -22.97 -0.78 2.79
N GLN A 77 -23.71 -1.00 1.71
CA GLN A 77 -24.20 -2.32 1.33
C GLN A 77 -23.77 -2.66 -0.09
N MET A 78 -23.35 -3.91 -0.29
CA MET A 78 -22.93 -4.41 -1.60
C MET A 78 -23.67 -5.70 -1.91
N THR A 79 -23.94 -5.92 -3.19
CA THR A 79 -24.61 -7.13 -3.66
C THR A 79 -23.72 -7.79 -4.71
N ILE A 80 -23.65 -9.11 -4.66
CA ILE A 80 -22.93 -9.88 -5.67
C ILE A 80 -23.87 -10.95 -6.22
N ARG A 81 -23.65 -11.32 -7.48
CA ARG A 81 -24.40 -12.38 -8.13
C ARG A 81 -23.46 -13.52 -8.46
N VAL A 82 -23.89 -14.75 -8.15
CA VAL A 82 -23.08 -15.95 -8.36
C VAL A 82 -23.84 -16.90 -9.27
N MET A 83 -23.18 -17.33 -10.35
CA MET A 83 -23.81 -18.10 -11.41
C MET A 83 -23.02 -19.37 -11.69
N ASN A 84 -23.72 -20.46 -11.97
CA ASN A 84 -23.09 -21.71 -12.37
C ASN A 84 -22.72 -21.68 -13.85
N ASN A 85 -21.72 -22.49 -14.20
CA ASN A 85 -21.24 -22.64 -15.57
C ASN A 85 -20.65 -21.34 -16.10
N GLY A 92 -30.46 -21.65 -12.37
CA GLY A 92 -30.18 -21.47 -10.96
C GLY A 92 -29.10 -20.45 -10.66
N ALA A 93 -29.45 -19.37 -9.96
CA ALA A 93 -28.51 -18.34 -9.60
C ALA A 93 -28.85 -17.82 -8.20
N VAL A 94 -27.83 -17.28 -7.53
CA VAL A 94 -27.95 -16.83 -6.14
C VAL A 94 -27.35 -15.43 -6.00
N MET A 95 -27.85 -14.68 -5.02
CA MET A 95 -27.31 -13.36 -4.72
C MET A 95 -27.08 -13.26 -3.22
N TYR A 96 -26.04 -12.51 -2.86
CA TYR A 96 -25.67 -12.29 -1.48
C TYR A 96 -25.47 -10.80 -1.28
N GLN A 97 -25.78 -10.34 -0.07
CA GLN A 97 -25.60 -8.95 0.28
C GLN A 97 -24.70 -8.84 1.50
N PHE A 98 -23.92 -7.76 1.54
CA PHE A 98 -22.95 -7.53 2.60
C PHE A 98 -23.11 -6.11 3.12
N PHE A 99 -22.77 -5.91 4.39
CA PHE A 99 -22.90 -4.61 5.03
C PHE A 99 -21.61 -4.27 5.77
N CYS A 100 -21.12 -3.04 5.59
CA CYS A 100 -19.95 -2.54 6.29
C CYS A 100 -20.31 -1.21 6.96
N PRO A 101 -20.00 -1.04 8.24
CA PRO A 101 -20.34 0.21 8.92
C PRO A 101 -19.48 1.37 8.44
N ALA A 102 -20.00 2.57 8.63
CA ALA A 102 -19.26 3.79 8.31
C ALA A 102 -18.19 4.08 9.35
N ALA A 113 -7.86 9.98 21.32
CA ALA A 113 -6.98 8.82 21.21
C ALA A 113 -6.23 8.57 22.52
N SER A 114 -6.47 9.45 23.50
CA SER A 114 -5.85 9.36 24.82
C SER A 114 -4.32 9.29 24.71
N THR A 115 -3.76 10.16 23.89
CA THR A 115 -2.31 10.25 23.74
C THR A 115 -1.73 11.19 24.79
N ILE A 116 -0.57 10.83 25.32
CA ILE A 116 0.13 11.64 26.31
C ILE A 116 1.50 12.00 25.73
N CYS A 117 1.82 13.29 25.72
CA CYS A 117 3.07 13.77 25.17
C CYS A 117 4.11 13.93 26.28
N GLN A 118 5.37 13.84 25.88
CA GLN A 118 6.49 14.02 26.80
C GLN A 118 7.65 14.62 26.00
N LYS A 119 8.68 15.07 26.72
CA LYS A 119 9.81 15.75 26.10
C LYS A 119 10.49 14.87 25.06
N ASP A 120 10.52 13.56 25.27
CA ASP A 120 11.19 12.64 24.36
C ASP A 120 10.32 11.45 23.98
N PHE A 121 9.07 11.42 24.42
CA PHE A 121 8.22 10.25 24.28
C PHE A 121 6.82 10.69 23.91
N MET A 122 6.06 9.76 23.33
CA MET A 122 4.62 9.86 23.32
C MET A 122 4.08 8.62 24.01
N SER A 123 2.92 8.76 24.62
CA SER A 123 2.33 7.64 25.35
C SER A 123 0.84 7.62 25.09
N PHE A 124 0.28 6.42 25.13
CA PHE A 124 -1.14 6.25 24.92
C PHE A 124 -1.57 4.96 25.58
N SER A 125 -2.87 4.85 25.80
CA SER A 125 -3.40 3.72 26.54
C SER A 125 -4.59 3.18 25.78
N LEU A 126 -4.70 1.86 25.74
CA LEU A 126 -5.68 1.24 24.89
C LEU A 126 -6.36 0.10 25.64
N PRO A 127 -7.67 -0.08 25.44
CA PRO A 127 -8.38 -1.15 26.15
C PRO A 127 -8.01 -2.54 25.65
N ARG A 128 -7.84 -3.48 26.59
CA ARG A 128 -7.71 -4.90 26.25
C ARG A 128 -9.13 -5.46 26.20
N VAL A 129 -9.76 -5.34 25.03
CA VAL A 129 -11.16 -5.74 24.90
C VAL A 129 -11.28 -7.25 24.71
N PHE A 130 -10.73 -7.75 23.60
CA PHE A 130 -10.62 -9.18 23.29
C PHE A 130 -11.99 -9.88 23.27
N SER A 131 -13.07 -9.10 23.33
CA SER A 131 -14.42 -9.65 23.38
C SER A 131 -15.47 -8.58 23.13
N THR A 140 -22.67 -12.81 20.31
CA THR A 140 -22.81 -14.01 19.48
C THR A 140 -21.46 -14.39 18.87
N LYS A 141 -20.54 -14.78 19.75
CA LYS A 141 -19.17 -15.16 19.35
C LYS A 141 -18.48 -14.05 18.56
N VAL A 142 -18.63 -12.82 19.03
CA VAL A 142 -18.03 -11.66 18.39
C VAL A 142 -16.82 -11.22 19.22
N GLN A 143 -15.77 -10.79 18.54
CA GLN A 143 -14.52 -10.39 19.17
C GLN A 143 -14.12 -9.00 18.72
N MET A 144 -13.48 -8.26 19.62
CA MET A 144 -12.95 -6.92 19.36
C MET A 144 -11.51 -6.88 19.83
N GLY A 145 -10.62 -6.33 19.00
CA GLY A 145 -9.22 -6.35 19.35
C GLY A 145 -8.44 -5.23 18.68
N TRP A 146 -7.36 -4.83 19.34
CA TRP A 146 -6.50 -3.76 18.88
C TRP A 146 -5.17 -4.32 18.37
N SER A 147 -4.52 -3.52 17.54
CA SER A 147 -3.24 -3.91 16.95
C SER A 147 -2.50 -2.65 16.51
N ILE A 148 -1.19 -2.67 16.68
CA ILE A 148 -0.33 -1.58 16.22
C ILE A 148 0.21 -1.93 14.84
N GLU A 149 0.16 -0.98 13.93
CA GLU A 149 0.68 -1.15 12.59
C GLU A 149 1.76 -0.10 12.31
N VAL A 150 2.74 -0.48 11.49
CA VAL A 150 3.79 0.42 11.06
C VAL A 150 3.92 0.30 9.55
N GLY A 151 4.47 1.34 8.93
CA GLY A 151 4.74 1.31 7.51
C GLY A 151 3.59 1.83 6.67
N ASP A 152 3.81 1.81 5.36
CA ASP A 152 2.91 2.43 4.39
C ASP A 152 2.59 1.42 3.29
N GLY A 153 1.37 0.90 3.28
CA GLY A 153 0.96 -0.01 2.20
C GLY A 153 1.53 -1.41 2.14
N ALA A 154 2.86 -1.53 2.11
CA ALA A 154 3.49 -2.85 1.99
C ALA A 154 3.49 -3.62 3.31
N ARG A 155 3.54 -2.92 4.45
CA ARG A 155 3.78 -3.55 5.74
C ARG A 155 2.48 -4.12 6.31
N ALA A 156 2.53 -4.57 7.57
CA ALA A 156 1.42 -5.28 8.19
C ALA A 156 1.31 -4.86 9.66
N LYS A 157 0.39 -5.52 10.37
CA LYS A 157 0.11 -5.23 11.77
C LYS A 157 1.08 -6.04 12.63
N THR A 158 2.01 -5.35 13.29
CA THR A 158 3.02 -6.00 14.10
C THR A 158 2.56 -6.27 15.53
N LEU A 159 1.24 -6.42 15.73
CA LEU A 159 0.62 -6.53 17.05
C LEU A 159 1.38 -7.44 18.00
N THR A 160 1.93 -8.54 17.49
CA THR A 160 2.59 -9.51 18.35
C THR A 160 3.67 -8.84 19.19
N LEU A 161 3.69 -9.18 20.47
CA LEU A 161 4.62 -8.58 21.42
C LEU A 161 6.07 -8.64 20.98
N PRO A 162 6.59 -9.76 20.46
CA PRO A 162 7.98 -9.74 20.00
C PRO A 162 8.23 -8.66 18.97
N GLU A 163 7.37 -8.56 17.95
CA GLU A 163 7.57 -7.57 16.90
C GLU A 163 7.42 -6.15 17.43
N ALA A 164 6.40 -5.91 18.26
CA ALA A 164 6.17 -4.57 18.79
C ALA A 164 7.35 -4.11 19.64
N MET A 165 7.89 -5.00 20.47
CA MET A 165 9.05 -4.63 21.27
C MET A 165 10.34 -4.59 20.44
N LYS A 166 10.41 -5.33 19.33
CA LYS A 166 11.53 -5.15 18.41
C LYS A 166 11.49 -3.78 17.77
N GLU A 167 10.30 -3.18 17.65
CA GLU A 167 10.19 -1.83 17.12
C GLU A 167 10.33 -0.75 18.19
N GLY A 168 10.63 -1.12 19.43
CA GLY A 168 10.91 -0.15 20.48
C GLY A 168 9.76 0.19 21.40
N PHE A 169 8.59 -0.45 21.23
CA PHE A 169 7.41 -0.16 22.03
C PHE A 169 7.53 -0.81 23.41
N SER A 170 7.69 0.01 24.45
CA SER A 170 7.55 -0.48 25.82
C SER A 170 6.08 -0.49 26.20
N LEU A 171 5.68 -1.50 26.96
CA LEU A 171 4.27 -1.76 27.21
C LEU A 171 3.99 -2.04 28.68
N LEU A 172 2.97 -1.38 29.22
CA LEU A 172 2.46 -1.62 30.55
C LEU A 172 1.06 -2.23 30.44
N ILE A 173 0.84 -3.36 31.12
CA ILE A 173 -0.42 -4.09 31.03
C ILE A 173 -0.94 -4.35 32.43
N ASP A 174 -2.20 -4.00 32.66
CA ASP A 174 -2.94 -4.34 33.87
C ASP A 174 -4.16 -5.16 33.47
N ASN A 175 -5.01 -5.45 34.47
CA ASN A 175 -6.21 -6.25 34.21
C ASN A 175 -7.15 -5.57 33.22
N HIS A 176 -7.08 -4.24 33.12
CA HIS A 176 -8.08 -3.48 32.40
C HIS A 176 -7.57 -2.72 31.18
N ARG A 177 -6.32 -2.26 31.19
CA ARG A 177 -5.81 -1.41 30.12
C ARG A 177 -4.46 -1.92 29.63
N MET A 178 -4.07 -1.43 28.45
CA MET A 178 -2.72 -1.56 27.93
C MET A 178 -2.16 -0.16 27.68
N THR A 179 -0.95 0.10 28.16
CA THR A 179 -0.35 1.41 28.06
C THR A 179 0.98 1.29 27.34
N PHE A 180 1.17 2.10 26.30
CA PHE A 180 2.36 2.04 25.47
C PHE A 180 3.20 3.30 25.65
N HIS A 181 4.52 3.12 25.65
CA HIS A 181 5.46 4.21 25.79
C HIS A 181 6.55 4.04 24.74
N VAL A 182 6.63 4.98 23.81
CA VAL A 182 7.50 4.82 22.66
C VAL A 182 8.30 6.11 22.49
N PRO A 183 9.62 6.03 22.37
CA PRO A 183 10.41 7.23 22.08
C PRO A 183 10.14 7.74 20.67
N PHE A 184 10.34 9.05 20.49
CA PHE A 184 10.13 9.67 19.19
C PHE A 184 11.11 9.16 18.13
N ASN A 185 12.26 8.63 18.54
CA ASN A 185 13.28 8.15 17.60
C ASN A 185 13.05 6.69 17.21
N ALA A 186 11.98 6.08 17.70
CA ALA A 186 11.72 4.66 17.49
C ALA A 186 11.29 4.35 16.06
N THR A 187 11.56 3.12 15.63
CA THR A 187 11.22 2.70 14.29
C THR A 187 9.72 2.54 14.10
N GLY A 188 8.98 2.31 15.19
CA GLY A 188 7.54 2.19 15.09
C GLY A 188 6.80 3.51 15.08
N VAL A 189 7.52 4.61 15.18
CA VAL A 189 6.95 5.95 15.13
C VAL A 189 7.34 6.57 13.81
N THR A 190 6.33 6.92 13.01
CA THR A 190 6.56 7.64 11.77
C THR A 190 6.64 9.13 12.08
N HIS A 191 7.65 9.81 11.51
CA HIS A 191 7.93 11.20 11.82
C HIS A 191 7.79 12.05 10.57
N TYR A 192 6.97 13.09 10.65
CA TYR A 192 6.72 13.98 9.53
C TYR A 192 7.19 15.38 9.86
N VAL A 193 7.71 16.07 8.86
CA VAL A 193 8.19 17.44 8.99
C VAL A 193 7.69 18.24 7.80
N GLN A 194 6.86 19.25 8.05
CA GLN A 194 6.49 20.24 7.03
C GLN A 194 7.03 21.59 7.50
N GLY A 195 8.26 21.91 7.09
CA GLY A 195 8.87 23.15 7.50
C GLY A 195 9.29 23.09 8.95
N ASN A 196 8.78 24.02 9.75
CA ASN A 196 9.08 24.04 11.19
C ASN A 196 8.19 23.10 12.00
N SER A 197 7.00 22.76 11.50
CA SER A 197 6.10 21.90 12.25
C SER A 197 6.57 20.45 12.20
N HIS A 198 6.49 19.77 13.33
CA HIS A 198 6.84 18.35 13.42
C HIS A 198 5.66 17.54 13.94
N LEU A 199 5.54 16.31 13.44
CA LEU A 199 4.40 15.46 13.77
C LEU A 199 4.85 14.02 13.95
N TYR A 200 4.38 13.39 15.02
CA TYR A 200 4.71 12.00 15.35
C TYR A 200 3.42 11.21 15.42
N MET A 201 3.38 10.08 14.72
CA MET A 201 2.15 9.33 14.60
C MET A 201 2.41 7.83 14.65
N VAL A 202 1.62 7.12 15.45
CA VAL A 202 1.55 5.66 15.44
C VAL A 202 0.16 5.28 14.92
N SER A 203 0.12 4.43 13.90
CA SER A 203 -1.16 3.99 13.35
C SER A 203 -1.65 2.77 14.12
N LEU A 204 -2.96 2.70 14.32
CA LEU A 204 -3.59 1.61 15.07
C LEU A 204 -4.75 1.05 14.26
N LYS A 205 -5.00 -0.25 14.43
CA LYS A 205 -6.13 -0.90 13.79
C LYS A 205 -7.02 -1.56 14.82
N LEU A 206 -8.29 -1.17 14.83
CA LEU A 206 -9.31 -1.77 15.67
C LEU A 206 -10.05 -2.83 14.85
N THR A 207 -9.98 -4.08 15.30
CA THR A 207 -10.42 -5.22 14.51
C THR A 207 -11.56 -5.92 15.22
N PHE A 208 -12.66 -6.14 14.50
CA PHE A 208 -13.79 -6.90 14.98
C PHE A 208 -13.89 -8.18 14.17
N ILE A 209 -14.08 -9.30 14.86
CA ILE A 209 -14.13 -10.61 14.21
C ILE A 209 -15.45 -11.25 14.57
N SER A 210 -16.20 -11.64 13.54
CA SER A 210 -17.46 -12.34 13.62
C SER A 210 -17.38 -13.54 12.71
N PRO A 211 -18.15 -14.60 12.96
CA PRO A 211 -18.15 -15.73 12.05
C PRO A 211 -18.55 -15.30 10.64
N GLY A 212 -17.61 -15.43 9.70
CA GLY A 212 -17.83 -15.04 8.33
C GLY A 212 -17.57 -13.58 8.00
N GLN A 213 -17.21 -12.75 8.97
CA GLN A 213 -16.99 -11.34 8.66
C GLN A 213 -15.94 -10.72 9.57
N LYS A 214 -15.01 -9.99 8.97
CA LYS A 214 -14.01 -9.19 9.66
C LYS A 214 -14.23 -7.72 9.32
N VAL A 215 -14.15 -6.85 10.34
CA VAL A 215 -14.35 -5.42 10.15
C VAL A 215 -13.16 -4.69 10.78
N ILE A 216 -12.56 -3.80 10.01
CA ILE A 216 -11.34 -3.12 10.42
C ILE A 216 -11.54 -1.61 10.33
N PHE A 217 -11.19 -0.91 11.39
CA PHE A 217 -11.15 0.55 11.41
C PHE A 217 -9.72 1.00 11.60
N SER A 218 -9.43 2.23 11.18
CA SER A 218 -8.11 2.81 11.35
C SER A 218 -8.15 3.89 12.42
N SER A 219 -7.03 4.03 13.13
CA SER A 219 -6.92 5.04 14.17
C SER A 219 -5.44 5.35 14.36
N GLN A 220 -5.18 6.49 15.00
CA GLN A 220 -3.82 6.93 15.21
C GLN A 220 -3.65 7.45 16.63
N ALA A 221 -2.43 7.34 17.13
CA ALA A 221 -2.01 8.05 18.33
C ALA A 221 -1.02 9.12 17.87
N ILE A 222 -1.35 10.37 18.15
CA ILE A 222 -0.67 11.50 17.52
C ILE A 222 -0.21 12.46 18.60
N CYS A 223 1.05 12.88 18.52
CA CYS A 223 1.58 13.88 19.45
C CYS A 223 2.39 14.86 18.62
N ALA A 224 1.84 16.10 18.43
CA ALA A 224 2.63 17.15 17.78
C ALA A 224 3.16 18.12 18.82
N PRO A 225 4.46 18.41 18.82
CA PRO A 225 5.02 19.39 19.77
C PRO A 225 4.77 20.83 19.32
N ASP A 226 5.04 21.74 20.26
CA ASP A 226 5.14 23.16 19.93
C ASP A 226 6.43 23.39 19.13
N PRO A 227 6.38 24.19 18.07
CA PRO A 227 7.62 24.42 17.29
C PRO A 227 8.74 25.06 18.12
N LEU A 228 8.41 26.01 18.99
CA LEU A 228 9.44 26.61 19.83
C LEU A 228 10.01 25.60 20.82
N GLU A 229 9.13 24.77 21.41
CA GLU A 229 9.60 23.74 22.33
C GLU A 229 10.43 22.68 21.60
N HIS A 230 9.99 22.30 20.39
CA HIS A 230 10.71 21.28 19.63
C HIS A 230 12.09 21.80 19.20
N HIS A 231 12.17 23.08 18.86
CA HIS A 231 13.45 23.68 18.45
C HIS A 231 14.47 23.67 19.59
N HIS A 232 14.03 23.46 20.83
CA HIS A 232 14.90 23.51 22.01
C HIS A 232 15.58 24.89 22.13
N PRO B 9 25.28 11.91 -8.44
CA PRO B 9 25.42 13.17 -7.71
C PRO B 9 26.64 13.17 -6.78
N ALA B 10 26.95 14.33 -6.19
CA ALA B 10 28.05 14.47 -5.24
C ALA B 10 27.66 14.06 -3.83
N PHE B 11 26.43 13.60 -3.64
CA PHE B 11 25.96 13.18 -2.34
C PHE B 11 26.73 11.93 -1.88
N PRO B 12 27.11 11.87 -0.60
CA PRO B 12 27.88 10.71 -0.11
C PRO B 12 27.06 9.46 0.14
N GLY B 13 25.79 9.45 -0.22
CA GLY B 13 24.94 8.28 -0.02
C GLY B 13 24.07 7.98 -1.22
N THR B 14 23.06 7.13 -1.04
CA THR B 14 22.20 6.74 -2.14
C THR B 14 20.93 7.58 -2.16
N VAL B 15 20.35 7.72 -3.36
CA VAL B 15 19.03 8.33 -3.54
C VAL B 15 18.23 7.41 -4.45
N THR B 16 16.93 7.31 -4.20
CA THR B 16 16.04 6.46 -5.00
C THR B 16 14.94 7.32 -5.60
N CYS B 17 14.81 7.27 -6.93
CA CYS B 17 13.69 7.90 -7.63
C CYS B 17 12.62 6.83 -7.83
N ASP B 18 11.63 6.81 -6.95
CA ASP B 18 10.58 5.80 -7.02
C ASP B 18 9.46 6.29 -7.92
N GLU B 19 8.43 5.46 -8.09
CA GLU B 19 7.31 5.85 -8.93
C GLU B 19 6.58 7.06 -8.36
N ARG B 20 6.56 7.21 -7.03
CA ARG B 20 5.82 8.27 -6.38
C ARG B 20 6.60 9.10 -5.38
N GLU B 21 7.84 8.73 -5.03
CA GLU B 21 8.53 9.44 -3.95
C GLU B 21 10.03 9.36 -4.14
N ILE B 22 10.74 10.20 -3.39
CA ILE B 22 12.20 10.23 -3.36
C ILE B 22 12.66 9.75 -1.99
N THR B 23 13.48 8.71 -1.97
CA THR B 23 14.13 8.26 -0.76
C THR B 23 15.60 8.62 -0.84
N VAL B 24 16.08 9.46 0.09
CA VAL B 24 17.48 9.80 0.20
C VAL B 24 18.08 9.03 1.36
N GLU B 25 19.15 8.29 1.10
CA GLU B 25 19.71 7.34 2.06
C GLU B 25 21.12 7.78 2.41
N PHE B 26 21.30 8.31 3.62
CA PHE B 26 22.55 8.87 4.09
C PHE B 26 23.52 7.76 4.51
N PRO B 27 24.82 8.01 4.40
CA PRO B 27 25.81 7.00 4.78
C PRO B 27 25.79 6.70 6.27
N SER B 28 25.86 5.41 6.60
CA SER B 28 25.80 4.98 7.99
C SER B 28 27.08 5.36 8.72
N SER B 29 26.94 6.18 9.77
CA SER B 29 28.06 6.59 10.60
C SER B 29 27.52 7.14 11.91
N PRO B 30 28.25 6.97 13.01
CA PRO B 30 27.82 7.62 14.26
C PRO B 30 27.78 9.14 14.17
N GLY B 31 28.71 9.74 13.43
CA GLY B 31 28.70 11.19 13.26
C GLY B 31 27.49 11.65 12.46
N THR B 32 27.09 10.86 11.46
CA THR B 32 25.88 11.16 10.72
C THR B 32 24.63 11.00 11.57
N LYS B 33 24.74 10.34 12.73
CA LYS B 33 23.64 10.31 13.67
C LYS B 33 23.42 11.65 14.35
N LYS B 34 24.35 12.60 14.20
CA LYS B 34 24.24 13.92 14.81
C LYS B 34 23.92 15.01 13.79
N TRP B 35 23.30 14.64 12.67
CA TRP B 35 22.98 15.58 11.61
C TRP B 35 21.48 15.81 11.53
N HIS B 36 21.13 16.98 10.98
CA HIS B 36 19.75 17.29 10.61
C HIS B 36 19.66 17.48 9.11
N ALA B 37 18.51 17.15 8.55
CA ALA B 37 18.29 17.26 7.11
C ALA B 37 16.90 17.81 6.87
N SER B 38 16.78 18.67 5.87
CA SER B 38 15.50 19.29 5.54
C SER B 38 15.42 19.52 4.05
N VAL B 39 14.20 19.52 3.52
CA VAL B 39 13.96 19.75 2.11
C VAL B 39 13.78 21.25 1.90
N VAL B 40 14.57 21.81 0.99
CA VAL B 40 14.56 23.24 0.70
C VAL B 40 14.60 23.44 -0.82
N ASP B 41 14.30 24.67 -1.23
CA ASP B 41 14.51 25.08 -2.61
C ASP B 41 16.01 25.33 -2.84
N PRO B 42 16.44 25.46 -4.10
CA PRO B 42 17.88 25.68 -4.36
C PRO B 42 18.45 26.90 -3.68
N LEU B 43 17.62 27.88 -3.34
CA LEU B 43 18.07 29.07 -2.62
C LEU B 43 18.19 28.86 -1.12
N GLY B 44 17.65 27.77 -0.59
CA GLY B 44 17.61 27.52 0.84
C GLY B 44 16.30 27.86 1.52
N LEU B 45 15.26 28.18 0.75
CA LEU B 45 13.95 28.56 1.28
C LEU B 45 13.07 27.33 1.43
N ASP B 46 12.27 27.31 2.50
CA ASP B 46 11.36 26.21 2.72
C ASP B 46 10.31 26.16 1.63
N MET B 47 10.08 24.98 1.09
CA MET B 47 8.99 24.87 0.13
C MET B 47 7.69 24.60 0.87
N PRO B 48 6.64 25.39 0.62
CA PRO B 48 5.56 25.53 1.60
C PRO B 48 4.76 24.28 1.90
N ASN B 49 4.21 23.63 0.89
CA ASN B 49 3.35 22.48 1.12
C ASN B 49 4.11 21.17 1.22
N CYS B 50 5.44 21.21 1.17
CA CYS B 50 6.23 19.97 1.21
C CYS B 50 6.21 19.35 2.60
N THR B 51 5.73 18.11 2.67
CA THR B 51 5.79 17.30 3.88
C THR B 51 6.61 16.06 3.57
N TYR B 52 7.56 15.74 4.46
CA TYR B 52 8.50 14.66 4.21
C TYR B 52 8.70 13.88 5.50
N ILE B 53 9.15 12.64 5.35
CA ILE B 53 9.29 11.69 6.45
C ILE B 53 10.77 11.52 6.75
N LEU B 54 11.14 11.58 8.03
CA LEU B 54 12.50 11.28 8.45
C LEU B 54 12.49 9.95 9.20
N ASP B 55 13.36 9.03 8.78
CA ASP B 55 13.57 7.77 9.48
C ASP B 55 15.01 7.74 9.92
N PRO B 56 15.32 8.07 11.18
CA PRO B 56 16.72 8.13 11.60
C PRO B 56 17.37 6.77 11.79
N GLU B 57 16.60 5.69 11.90
CA GLU B 57 17.21 4.38 12.09
C GLU B 57 17.79 3.85 10.78
N LYS B 58 17.05 4.03 9.68
CA LYS B 58 17.56 3.70 8.36
C LYS B 58 18.30 4.85 7.72
N LEU B 59 18.33 6.01 8.39
CA LEU B 59 19.00 7.20 7.89
C LEU B 59 18.47 7.61 6.52
N THR B 60 17.14 7.74 6.43
CA THR B 60 16.48 8.06 5.17
C THR B 60 15.56 9.26 5.33
N LEU B 61 15.41 10.01 4.24
CA LEU B 61 14.44 11.09 4.15
C LEU B 61 13.55 10.79 2.94
N ARG B 62 12.25 10.75 3.17
CA ARG B 62 11.28 10.40 2.14
C ARG B 62 10.41 11.61 1.83
N ALA B 63 10.28 11.94 0.55
CA ALA B 63 9.54 13.10 0.11
C ALA B 63 8.80 12.79 -1.19
N THR B 64 7.61 13.35 -1.32
CA THR B 64 6.84 13.19 -2.55
C THR B 64 7.38 14.10 -3.65
N TYR B 65 7.06 13.74 -4.90
CA TYR B 65 7.42 14.60 -6.02
C TYR B 65 6.70 15.94 -5.93
N ASP B 66 5.41 15.92 -5.58
CA ASP B 66 4.64 17.15 -5.45
C ASP B 66 5.10 17.97 -4.25
N ASN B 67 5.23 19.28 -4.48
CA ASN B 67 5.46 20.28 -3.45
C ASN B 67 6.85 20.21 -2.82
N CYS B 68 7.58 19.13 -3.07
CA CYS B 68 8.91 18.95 -2.51
C CYS B 68 10.00 19.01 -3.55
N THR B 69 9.64 18.97 -4.82
CA THR B 69 10.57 19.04 -5.92
C THR B 69 10.13 20.16 -6.85
N ARG B 70 11.06 20.64 -7.65
CA ARG B 70 10.76 21.59 -8.70
C ARG B 70 10.74 20.85 -10.03
N ARG B 71 9.64 20.99 -10.77
CA ARG B 71 9.57 20.34 -12.07
C ARG B 71 10.45 21.12 -13.05
N VAL B 72 11.36 20.41 -13.70
CA VAL B 72 12.33 21.01 -14.60
C VAL B 72 12.28 20.27 -15.93
N HIS B 73 13.05 20.76 -16.88
CA HIS B 73 13.11 20.10 -18.18
C HIS B 73 13.62 18.68 -18.00
N GLY B 74 12.81 17.71 -18.43
CA GLY B 74 13.16 16.31 -18.36
C GLY B 74 12.78 15.59 -17.09
N GLY B 75 12.33 16.28 -16.06
CA GLY B 75 11.98 15.58 -14.83
C GLY B 75 11.82 16.50 -13.64
N HIS B 76 12.12 15.95 -12.45
CA HIS B 76 11.93 16.64 -11.18
C HIS B 76 13.28 16.87 -10.51
N GLN B 77 13.41 17.99 -9.81
CA GLN B 77 14.62 18.32 -9.06
C GLN B 77 14.30 18.61 -7.61
N MET B 78 15.13 18.09 -6.70
CA MET B 78 14.96 18.32 -5.27
C MET B 78 16.29 18.77 -4.67
N THR B 79 16.19 19.60 -3.64
CA THR B 79 17.34 20.07 -2.87
C THR B 79 17.11 19.75 -1.41
N ILE B 80 18.18 19.34 -0.71
CA ILE B 80 18.14 19.10 0.72
C ILE B 80 19.24 19.90 1.40
N ARG B 81 19.00 20.25 2.65
CA ARG B 81 19.96 20.96 3.49
C ARG B 81 20.36 20.07 4.66
N VAL B 82 21.67 20.02 4.93
CA VAL B 82 22.22 19.19 6.00
C VAL B 82 22.95 20.12 6.96
N MET B 83 22.60 20.02 8.24
CA MET B 83 23.06 20.98 9.24
C MET B 83 23.74 20.26 10.39
N ASN B 84 24.86 20.82 10.84
CA ASN B 84 25.54 20.32 12.02
C ASN B 84 24.88 20.88 13.27
N ASN B 85 24.97 20.13 14.36
CA ASN B 85 24.44 20.60 15.63
C ASN B 85 25.40 21.52 16.35
N SER B 86 26.61 21.70 15.84
CA SER B 86 27.59 22.61 16.42
C SER B 86 27.32 24.05 15.97
N GLY B 92 28.11 27.11 9.35
CA GLY B 92 28.50 26.11 8.38
C GLY B 92 27.40 25.10 8.08
N ALA B 93 26.95 25.09 6.83
CA ALA B 93 25.91 24.16 6.37
C ALA B 93 26.21 23.75 4.94
N VAL B 94 25.66 22.60 4.54
CA VAL B 94 25.91 22.04 3.22
C VAL B 94 24.58 21.67 2.57
N MET B 95 24.56 21.69 1.24
CA MET B 95 23.37 21.38 0.47
C MET B 95 23.70 20.43 -0.68
N TYR B 96 22.73 19.58 -1.01
CA TYR B 96 22.85 18.63 -2.10
C TYR B 96 21.62 18.74 -2.99
N GLN B 97 21.79 18.48 -4.28
CA GLN B 97 20.70 18.49 -5.24
C GLN B 97 20.60 17.14 -5.92
N PHE B 98 19.38 16.75 -6.25
CA PHE B 98 19.10 15.47 -6.89
C PHE B 98 18.17 15.69 -8.07
N PHE B 99 18.27 14.81 -9.06
CA PHE B 99 17.46 14.88 -10.26
C PHE B 99 16.86 13.52 -10.54
N CYS B 100 15.56 13.51 -10.87
CA CYS B 100 14.87 12.29 -11.26
C CYS B 100 14.20 12.55 -12.61
N PRO B 101 14.38 11.67 -13.59
CA PRO B 101 13.77 11.90 -14.90
C PRO B 101 12.26 11.77 -14.87
N ALA B 102 11.62 12.43 -15.83
CA ALA B 102 10.18 12.32 -15.98
C ALA B 102 9.82 11.01 -16.66
N MET B 103 8.66 10.49 -16.32
CA MET B 103 8.16 9.28 -16.96
C MET B 103 7.51 9.63 -18.29
N GLN B 104 7.71 8.77 -19.29
CA GLN B 104 7.28 9.01 -20.65
C GLN B 104 6.28 7.92 -21.08
N VAL B 105 5.76 8.05 -22.29
CA VAL B 105 4.82 7.08 -22.82
C VAL B 105 5.39 6.42 -24.08
N SER B 112 4.78 -1.93 -23.94
CA SER B 112 3.86 -0.81 -24.15
C SER B 112 2.75 -1.19 -25.13
N ALA B 113 2.84 -0.63 -26.34
CA ALA B 113 1.82 -0.87 -27.37
C ALA B 113 1.99 -2.21 -28.07
N SER B 114 3.07 -2.93 -27.81
CA SER B 114 3.30 -4.24 -28.43
C SER B 114 2.75 -5.38 -27.57
N THR B 115 1.52 -5.23 -27.11
CA THR B 115 0.82 -6.27 -26.36
C THR B 115 0.05 -7.15 -27.32
N ILE B 116 0.04 -8.45 -27.05
CA ILE B 116 -0.66 -9.44 -27.86
C ILE B 116 -1.66 -10.18 -26.98
N CYS B 117 -2.91 -10.23 -27.42
CA CYS B 117 -3.96 -10.93 -26.70
C CYS B 117 -4.15 -12.34 -27.22
N GLN B 118 -4.62 -13.23 -26.35
CA GLN B 118 -4.88 -14.62 -26.72
C GLN B 118 -6.06 -15.11 -25.91
N LYS B 119 -6.60 -16.27 -26.33
CA LYS B 119 -7.79 -16.83 -25.69
C LYS B 119 -7.58 -17.11 -24.21
N ASP B 120 -6.37 -17.49 -23.80
CA ASP B 120 -6.07 -17.75 -22.41
C ASP B 120 -4.77 -17.10 -21.96
N PHE B 121 -4.11 -16.32 -22.82
CA PHE B 121 -2.79 -15.77 -22.56
C PHE B 121 -2.75 -14.33 -23.05
N MET B 122 -1.79 -13.58 -22.52
CA MET B 122 -1.36 -12.33 -23.12
C MET B 122 0.14 -12.36 -23.34
N SER B 123 0.60 -11.60 -24.34
CA SER B 123 2.00 -11.57 -24.70
C SER B 123 2.42 -10.14 -25.01
N PHE B 124 3.68 -9.83 -24.75
CA PHE B 124 4.22 -8.51 -25.04
C PHE B 124 5.73 -8.61 -25.18
N SER B 125 6.32 -7.54 -25.70
CA SER B 125 7.72 -7.54 -26.08
C SER B 125 8.40 -6.31 -25.50
N LEU B 126 9.63 -6.50 -25.03
CA LEU B 126 10.39 -5.50 -24.29
C LEU B 126 11.80 -5.44 -24.84
N PRO B 127 12.40 -4.26 -24.88
CA PRO B 127 13.77 -4.15 -25.40
C PRO B 127 14.77 -4.85 -24.50
N ARG B 128 15.86 -5.31 -25.10
CA ARG B 128 16.90 -6.02 -24.36
C ARG B 128 17.63 -5.04 -23.46
N VAL B 129 17.22 -4.98 -22.19
CA VAL B 129 17.81 -4.02 -21.27
C VAL B 129 19.20 -4.44 -20.80
N PHE B 130 19.57 -5.70 -20.99
CA PHE B 130 20.86 -6.20 -20.53
C PHE B 130 21.91 -6.13 -21.63
N GLY B 145 23.22 -1.11 -14.66
CA GLY B 145 22.53 -2.38 -14.53
C GLY B 145 21.02 -2.25 -14.48
N TRP B 146 20.34 -3.02 -15.32
CA TRP B 146 18.88 -3.01 -15.38
C TRP B 146 18.34 -4.32 -14.81
N SER B 147 17.12 -4.23 -14.28
CA SER B 147 16.41 -5.41 -13.81
C SER B 147 14.92 -5.20 -14.08
N ILE B 148 14.22 -6.31 -14.23
CA ILE B 148 12.78 -6.30 -14.47
C ILE B 148 12.09 -7.01 -13.31
N GLU B 149 11.01 -6.40 -12.82
CA GLU B 149 10.23 -6.97 -11.73
C GLU B 149 8.76 -6.99 -12.13
N VAL B 150 7.99 -7.86 -11.48
CA VAL B 150 6.57 -8.04 -11.79
C VAL B 150 5.76 -7.71 -10.54
N GLY B 151 4.61 -7.07 -10.75
CA GLY B 151 3.72 -6.66 -9.68
C GLY B 151 3.85 -5.18 -9.37
N ASP B 152 2.87 -4.68 -8.62
CA ASP B 152 2.84 -3.27 -8.22
C ASP B 152 1.78 -3.01 -7.17
N GLY B 153 2.13 -2.25 -6.13
CA GLY B 153 1.12 -1.74 -5.21
C GLY B 153 0.47 -2.75 -4.28
N ALA B 154 -0.18 -3.78 -4.84
CA ALA B 154 -1.03 -4.66 -4.03
C ALA B 154 -0.24 -5.65 -3.20
N ARG B 155 0.67 -5.14 -2.35
CA ARG B 155 1.45 -5.91 -1.39
C ARG B 155 2.33 -6.97 -2.04
N ALA B 156 2.40 -6.98 -3.38
CA ALA B 156 3.23 -7.97 -4.06
C ALA B 156 4.72 -7.72 -3.86
N LYS B 157 5.09 -6.61 -3.24
CA LYS B 157 6.49 -6.19 -3.09
C LYS B 157 7.05 -6.15 -4.50
N THR B 158 8.23 -6.70 -4.75
CA THR B 158 8.70 -6.93 -6.09
C THR B 158 8.80 -8.43 -6.32
N LEU B 159 8.60 -8.84 -7.56
CA LEU B 159 8.71 -10.24 -7.95
C LEU B 159 9.87 -10.36 -8.94
N THR B 160 10.89 -11.11 -8.56
CA THR B 160 12.00 -11.34 -9.46
C THR B 160 11.54 -12.15 -10.67
N LEU B 161 12.25 -11.97 -11.78
CA LEU B 161 11.94 -12.76 -12.98
C LEU B 161 11.90 -14.26 -12.70
N PRO B 162 12.86 -14.87 -12.00
CA PRO B 162 12.73 -16.31 -11.70
C PRO B 162 11.49 -16.65 -10.90
N GLU B 163 11.09 -15.81 -9.94
CA GLU B 163 9.86 -16.07 -9.21
C GLU B 163 8.65 -16.02 -10.13
N ALA B 164 8.62 -15.03 -11.03
CA ALA B 164 7.52 -14.94 -11.98
C ALA B 164 7.48 -16.19 -12.86
N MET B 165 8.66 -16.71 -13.22
CA MET B 165 8.71 -17.92 -14.04
C MET B 165 8.26 -19.14 -13.26
N LYS B 166 8.47 -19.15 -11.94
CA LYS B 166 7.85 -20.19 -11.12
C LYS B 166 6.34 -20.02 -11.06
N GLU B 167 5.86 -18.79 -11.23
CA GLU B 167 4.42 -18.51 -11.23
C GLU B 167 3.80 -18.67 -12.62
N GLY B 168 4.53 -19.21 -13.58
CA GLY B 168 4.01 -19.50 -14.90
C GLY B 168 4.38 -18.52 -15.98
N PHE B 169 5.21 -17.52 -15.69
CA PHE B 169 5.65 -16.57 -16.71
C PHE B 169 6.72 -17.23 -17.56
N SER B 170 6.36 -17.58 -18.80
CA SER B 170 7.36 -17.99 -19.77
C SER B 170 8.00 -16.77 -20.40
N LEU B 171 9.31 -16.84 -20.61
CA LEU B 171 10.06 -15.67 -21.04
C LEU B 171 11.00 -16.10 -22.16
N LEU B 172 10.92 -15.41 -23.30
CA LEU B 172 11.80 -15.67 -24.44
C LEU B 172 12.72 -14.50 -24.65
N ILE B 173 14.01 -14.77 -24.81
CA ILE B 173 15.02 -13.74 -24.98
C ILE B 173 15.83 -14.04 -26.22
N ASP B 174 15.94 -13.06 -27.10
CA ASP B 174 16.78 -13.12 -28.29
C ASP B 174 17.80 -11.99 -28.25
N ASN B 175 18.56 -11.85 -29.33
CA ASN B 175 19.60 -10.83 -29.39
C ASN B 175 19.04 -9.42 -29.27
N HIS B 176 17.78 -9.20 -29.66
CA HIS B 176 17.24 -7.85 -29.75
C HIS B 176 16.09 -7.54 -28.80
N ARG B 177 15.23 -8.50 -28.48
CA ARG B 177 14.04 -8.21 -27.71
C ARG B 177 13.86 -9.24 -26.58
N MET B 178 12.99 -8.89 -25.63
CA MET B 178 12.51 -9.82 -24.62
C MET B 178 11.01 -9.98 -24.78
N THR B 179 10.54 -11.22 -24.83
CA THR B 179 9.15 -11.51 -25.10
C THR B 179 8.57 -12.33 -23.95
N PHE B 180 7.43 -11.90 -23.46
CA PHE B 180 6.78 -12.50 -22.30
C PHE B 180 5.52 -13.23 -22.74
N HIS B 181 5.27 -14.38 -22.13
CA HIS B 181 4.07 -15.17 -22.41
C HIS B 181 3.47 -15.53 -21.05
N VAL B 182 2.30 -14.97 -20.76
CA VAL B 182 1.73 -15.06 -19.43
C VAL B 182 0.27 -15.49 -19.51
N PRO B 183 -0.11 -16.54 -18.80
CA PRO B 183 -1.54 -16.89 -18.74
C PRO B 183 -2.31 -15.85 -17.94
N PHE B 184 -3.59 -15.70 -18.28
CA PHE B 184 -4.41 -14.72 -17.57
C PHE B 184 -4.59 -15.08 -16.09
N ASN B 185 -4.44 -16.36 -15.74
CA ASN B 185 -4.61 -16.83 -14.38
C ASN B 185 -3.32 -16.82 -13.57
N ALA B 186 -2.23 -16.31 -14.13
CA ALA B 186 -0.98 -16.27 -13.39
C ALA B 186 -1.09 -15.24 -12.26
N THR B 187 -0.32 -15.46 -11.19
CA THR B 187 -0.44 -14.60 -10.02
C THR B 187 0.06 -13.18 -10.29
N GLY B 188 0.92 -12.99 -11.29
CA GLY B 188 1.39 -11.67 -11.62
C GLY B 188 0.45 -10.87 -12.49
N VAL B 189 -0.72 -11.43 -12.82
CA VAL B 189 -1.70 -10.79 -13.68
C VAL B 189 -2.84 -10.27 -12.81
N THR B 190 -3.05 -8.96 -12.82
CA THR B 190 -4.19 -8.35 -12.16
C THR B 190 -5.39 -8.34 -13.10
N HIS B 191 -6.55 -8.71 -12.57
CA HIS B 191 -7.75 -8.88 -13.38
C HIS B 191 -8.82 -7.90 -12.92
N TYR B 192 -9.35 -7.13 -13.87
CA TYR B 192 -10.39 -6.15 -13.59
C TYR B 192 -11.65 -6.48 -14.38
N VAL B 193 -12.80 -6.17 -13.76
CA VAL B 193 -14.10 -6.33 -14.40
C VAL B 193 -14.91 -5.07 -14.11
N GLN B 194 -15.26 -4.33 -15.16
CA GLN B 194 -16.21 -3.23 -15.07
C GLN B 194 -17.43 -3.60 -15.90
N GLY B 195 -18.37 -4.29 -15.28
CA GLY B 195 -19.56 -4.72 -15.99
C GLY B 195 -19.31 -5.85 -16.97
N ASN B 196 -19.60 -5.59 -18.24
CA ASN B 196 -19.41 -6.60 -19.28
C ASN B 196 -17.96 -6.70 -19.74
N SER B 197 -17.21 -5.61 -19.65
CA SER B 197 -15.82 -5.61 -20.09
C SER B 197 -14.92 -6.25 -19.04
N HIS B 198 -13.93 -7.00 -19.51
CA HIS B 198 -12.92 -7.61 -18.65
C HIS B 198 -11.55 -7.09 -19.04
N LEU B 199 -10.67 -6.98 -18.05
CA LEU B 199 -9.38 -6.35 -18.26
C LEU B 199 -8.30 -7.14 -17.53
N TYR B 200 -7.19 -7.41 -18.22
CA TYR B 200 -6.07 -8.14 -17.66
C TYR B 200 -4.81 -7.28 -17.78
N MET B 201 -4.07 -7.18 -16.68
CA MET B 201 -2.95 -6.26 -16.61
C MET B 201 -1.77 -6.94 -15.92
N VAL B 202 -0.60 -6.81 -16.52
CA VAL B 202 0.66 -7.17 -15.89
C VAL B 202 1.43 -5.89 -15.64
N SER B 203 1.80 -5.64 -14.39
CA SER B 203 2.63 -4.51 -14.05
C SER B 203 4.10 -4.90 -14.09
N LEU B 204 4.94 -3.99 -14.56
CA LEU B 204 6.37 -4.22 -14.61
C LEU B 204 7.09 -3.03 -13.99
N LYS B 205 8.26 -3.30 -13.41
CA LYS B 205 9.10 -2.26 -12.85
C LYS B 205 10.44 -2.32 -13.57
N LEU B 206 10.78 -1.24 -14.25
CA LEU B 206 12.06 -1.11 -14.91
C LEU B 206 12.98 -0.31 -14.00
N THR B 207 14.05 -0.94 -13.52
CA THR B 207 14.87 -0.37 -12.46
C THR B 207 16.28 -0.17 -12.98
N PHE B 208 16.79 1.05 -12.83
CA PHE B 208 18.16 1.40 -13.21
C PHE B 208 18.96 1.73 -11.96
N ILE B 209 20.17 1.18 -11.88
CA ILE B 209 21.02 1.35 -10.70
C ILE B 209 22.36 1.91 -11.15
N SER B 210 22.77 3.01 -10.53
CA SER B 210 24.02 3.71 -10.75
C SER B 210 24.69 3.94 -9.41
N PRO B 211 26.02 4.11 -9.38
CA PRO B 211 26.68 4.44 -8.11
C PRO B 211 26.13 5.73 -7.51
N GLY B 212 25.53 5.60 -6.32
CA GLY B 212 24.96 6.72 -5.62
C GLY B 212 23.56 7.12 -6.01
N GLN B 213 22.95 6.47 -7.01
CA GLN B 213 21.61 6.84 -7.45
C GLN B 213 20.90 5.63 -8.02
N LYS B 214 19.67 5.40 -7.56
CA LYS B 214 18.79 4.34 -8.07
C LYS B 214 17.55 4.98 -8.69
N VAL B 215 17.15 4.47 -9.85
CA VAL B 215 15.99 5.00 -10.57
C VAL B 215 15.04 3.87 -10.91
N ILE B 216 13.75 4.06 -10.59
CA ILE B 216 12.74 3.04 -10.75
C ILE B 216 11.62 3.61 -11.61
N PHE B 217 11.27 2.89 -12.68
CA PHE B 217 10.12 3.23 -13.48
C PHE B 217 9.09 2.12 -13.39
N SER B 218 7.83 2.48 -13.56
CA SER B 218 6.74 1.53 -13.60
C SER B 218 6.13 1.53 -15.00
N SER B 219 5.58 0.38 -15.39
CA SER B 219 4.88 0.27 -16.65
C SER B 219 3.88 -0.87 -16.54
N GLN B 220 2.89 -0.88 -17.44
CA GLN B 220 1.86 -1.90 -17.43
C GLN B 220 1.63 -2.41 -18.84
N ALA B 221 1.30 -3.69 -18.93
CA ALA B 221 0.85 -4.33 -20.16
C ALA B 221 -0.60 -4.72 -20.00
N ILE B 222 -1.44 -4.26 -20.93
CA ILE B 222 -2.88 -4.34 -20.77
C ILE B 222 -3.48 -5.05 -21.97
N CYS B 223 -4.31 -6.05 -21.70
CA CYS B 223 -5.01 -6.82 -22.74
C CYS B 223 -6.45 -7.02 -22.29
N ALA B 224 -7.38 -6.34 -22.97
CA ALA B 224 -8.80 -6.57 -22.73
C ALA B 224 -9.38 -7.42 -23.84
N PRO B 225 -10.12 -8.48 -23.53
CA PRO B 225 -10.83 -9.23 -24.58
C PRO B 225 -12.08 -8.49 -25.03
N ASP B 226 -12.66 -8.98 -26.11
CA ASP B 226 -13.97 -8.49 -26.52
C ASP B 226 -15.03 -8.91 -25.51
N PRO B 227 -15.97 -8.00 -25.15
CA PRO B 227 -17.04 -8.32 -24.20
C PRO B 227 -17.93 -9.47 -24.67
#